data_7VUE
#
_entry.id   7VUE
#
_cell.length_a   156.756
_cell.length_b   156.756
_cell.length_c   156.756
_cell.angle_alpha   90.000
_cell.angle_beta   90.000
_cell.angle_gamma   90.000
#
_symmetry.space_group_name_H-M   'F 2 3'
#
loop_
_entity.id
_entity.type
_entity.pdbx_description
1 polymer 'Bile acid receptor'
2 polymer 'Peptide from Nuclear receptor coactivator 2'
3 non-polymer '2-[3-[4-[[3-[2,6-bis(chloranyl)phenyl]-5-cyclopropyl-1,2-oxazol-4-yl]methoxy]-2-chloranyl-phenyl]-3-oxidanyl-azetidin-1-yl]pyridine-4-carboxylic acid'
4 water water
#
loop_
_entity_poly.entity_id
_entity_poly.type
_entity_poly.pdbx_seq_one_letter_code
_entity_poly.pdbx_strand_id
1 'polypeptide(L)'
;LTPDQQTLLHFIMDSYNKQRMPQEITNKILKEEFSAEENFLILTEMATNHVQVLVEFTKKLPGFQTLDHEDQIALLKGSA
VEAMFLRSAEIFNKKLPSGHSDLLEERIRNSGISDEYITPMFSFYKSIGELKMTQEEYALLTAIVILSPDRQYIKDREAV
EKLQEPLLDVLQKLCKIHQPENPQHFACLLGRLTELRTFNHHHAEMLMSWRVNDHKFTPLLCEIWD
;
A
2 'polypeptide(L)' KENALLRYLLDKDD B
#
loop_
_chem_comp.id
_chem_comp.type
_chem_comp.name
_chem_comp.formula
811 non-polymer '2-[3-[4-[[3-[2,6-bis(chloranyl)phenyl]-5-cyclopropyl-1,2-oxazol-4-yl]methoxy]-2-chloranyl-phenyl]-3-oxidanyl-azetidin-1-yl]pyridine-4-carboxylic acid' 'C28 H22 Cl3 N3 O5'
#
# COMPACT_ATOMS: atom_id res chain seq x y z
N LEU A 1 13.89 -3.60 -21.92
CA LEU A 1 14.41 -2.73 -22.97
C LEU A 1 14.54 -1.30 -22.43
N THR A 2 15.50 -0.54 -22.95
CA THR A 2 15.80 0.83 -22.50
C THR A 2 16.17 1.13 -21.04
N PRO A 3 17.41 0.84 -20.65
CA PRO A 3 17.84 1.14 -19.29
C PRO A 3 17.25 2.44 -18.72
N ASP A 4 17.17 3.50 -19.53
CA ASP A 4 16.62 4.76 -19.04
C ASP A 4 15.38 4.50 -18.21
N GLN A 5 14.75 3.35 -18.49
CA GLN A 5 13.73 2.77 -17.63
C GLN A 5 14.39 2.25 -16.34
N GLN A 6 15.58 1.68 -16.48
CA GLN A 6 16.27 1.07 -15.35
C GLN A 6 17.04 2.10 -14.52
N THR A 7 17.21 3.31 -15.05
CA THR A 7 17.76 4.40 -14.26
C THR A 7 16.76 4.80 -13.17
N LEU A 8 15.49 4.53 -13.43
CA LEU A 8 14.43 4.79 -12.48
C LEU A 8 13.89 3.51 -11.88
N LEU A 9 14.02 2.39 -12.59
CA LEU A 9 13.51 1.12 -12.07
C LEU A 9 14.23 0.77 -10.77
N HIS A 10 15.51 0.44 -10.87
CA HIS A 10 16.33 0.17 -9.69
C HIS A 10 16.23 1.30 -8.66
N PHE A 11 16.15 2.53 -9.18
CA PHE A 11 16.01 3.72 -8.36
C PHE A 11 14.68 3.76 -7.62
N ILE A 12 13.65 3.19 -8.24
CA ILE A 12 12.36 3.07 -7.58
C ILE A 12 12.52 2.10 -6.43
N MET A 13 13.50 1.22 -6.53
CA MET A 13 13.46 0.03 -5.71
C MET A 13 14.53 -0.12 -4.65
N ASP A 14 15.40 0.85 -4.46
CA ASP A 14 16.16 0.79 -3.24
C ASP A 14 15.42 1.73 -2.32
N SER A 15 14.44 2.42 -2.90
CA SER A 15 13.42 3.11 -2.15
C SER A 15 12.48 2.09 -1.52
N TYR A 16 12.22 0.98 -2.22
CA TYR A 16 11.21 0.02 -1.77
C TYR A 16 11.67 -0.77 -0.55
N ASN A 17 12.92 -1.20 -0.53
CA ASN A 17 13.45 -1.96 0.59
C ASN A 17 14.02 -1.07 1.68
N LYS A 18 14.29 0.18 1.31
CA LYS A 18 15.00 1.14 2.18
C LYS A 18 14.53 1.11 3.62
N GLN A 19 13.29 0.68 3.85
CA GLN A 19 12.77 0.53 5.20
C GLN A 19 11.79 -0.64 5.31
N ARG A 20 11.96 -1.45 6.35
CA ARG A 20 10.98 -2.45 6.69
C ARG A 20 10.34 -2.04 8.01
N MET A 21 9.47 -2.88 8.54
CA MET A 21 8.84 -2.54 9.81
C MET A 21 9.78 -2.91 10.96
N PRO A 22 10.03 -1.93 11.86
CA PRO A 22 10.84 -2.13 13.06
C PRO A 22 10.36 -3.37 13.84
N GLN A 23 11.27 -4.19 14.34
CA GLN A 23 10.82 -5.42 15.01
C GLN A 23 10.52 -5.18 16.48
N GLU A 24 10.71 -3.94 16.92
CA GLU A 24 10.11 -3.51 18.17
C GLU A 24 8.59 -3.59 17.98
N ILE A 25 8.15 -3.31 16.74
CA ILE A 25 6.74 -3.41 16.38
C ILE A 25 6.34 -4.82 15.93
N THR A 26 7.00 -5.35 14.90
CA THR A 26 6.58 -6.62 14.30
C THR A 26 6.70 -7.82 15.24
N ASN A 27 7.54 -7.72 16.26
CA ASN A 27 7.65 -8.80 17.24
C ASN A 27 6.75 -8.54 18.45
N LYS A 28 5.66 -7.82 18.20
CA LYS A 28 4.59 -7.67 19.16
C LYS A 28 3.40 -8.50 18.71
N ILE A 29 3.41 -8.90 17.43
CA ILE A 29 2.39 -9.79 16.88
C ILE A 29 2.50 -11.14 17.59
N LEU A 30 3.68 -11.40 18.13
CA LEU A 30 3.95 -12.61 18.89
C LEU A 30 3.97 -12.48 20.40
N LYS A 31 4.68 -11.45 20.87
CA LYS A 31 5.02 -11.30 22.27
C LYS A 31 3.83 -10.83 23.11
N GLU A 32 2.83 -10.21 22.47
CA GLU A 32 1.71 -9.65 23.23
C GLU A 32 0.47 -10.55 23.27
N GLU A 33 -0.52 -10.11 24.05
CA GLU A 33 -1.76 -10.85 24.25
C GLU A 33 -2.65 -10.83 23.03
N PHE A 34 -3.59 -11.75 22.98
CA PHE A 34 -4.53 -11.83 21.86
C PHE A 34 -5.94 -11.49 22.30
N SER A 35 -6.23 -10.20 22.30
CA SER A 35 -7.57 -9.70 22.54
C SER A 35 -7.92 -8.75 21.40
N ALA A 36 -9.21 -8.59 21.13
CA ALA A 36 -9.67 -7.70 20.06
C ALA A 36 -9.12 -6.28 20.24
N GLU A 37 -8.76 -5.96 21.48
CA GLU A 37 -8.14 -4.68 21.80
C GLU A 37 -6.68 -4.65 21.36
N GLU A 38 -5.92 -5.64 21.80
CA GLU A 38 -4.49 -5.71 21.44
C GLU A 38 -4.33 -5.99 19.96
N ASN A 39 -5.21 -6.83 19.41
CA ASN A 39 -5.24 -7.08 17.97
C ASN A 39 -5.32 -5.80 17.19
N PHE A 40 -6.24 -4.94 17.60
CA PHE A 40 -6.46 -3.68 16.92
C PHE A 40 -5.30 -2.71 17.16
N LEU A 41 -4.74 -2.73 18.36
CA LEU A 41 -3.63 -1.85 18.71
C LEU A 41 -2.40 -2.09 17.84
N ILE A 42 -2.06 -3.35 17.67
CA ILE A 42 -0.90 -3.72 16.89
C ILE A 42 -1.10 -3.34 15.42
N LEU A 43 -2.29 -3.64 14.91
CA LEU A 43 -2.64 -3.28 13.55
C LEU A 43 -2.49 -1.78 13.34
N THR A 44 -2.92 -1.02 14.34
CA THR A 44 -2.76 0.43 14.33
C THR A 44 -1.28 0.80 14.34
N GLU A 45 -0.54 0.22 15.28
CA GLU A 45 0.90 0.42 15.42
C GLU A 45 1.63 0.16 14.11
N MET A 46 1.08 -0.75 13.33
CA MET A 46 1.69 -1.23 12.11
C MET A 46 1.27 -0.45 10.88
N ALA A 47 0.02 -0.02 10.85
CA ALA A 47 -0.50 0.76 9.74
C ALA A 47 0.06 2.18 9.82
N THR A 48 0.15 2.70 11.04
CA THR A 48 0.73 4.00 11.28
C THR A 48 2.19 3.99 10.89
N ASN A 49 2.90 2.98 11.35
CA ASN A 49 4.29 2.82 10.97
C ASN A 49 4.42 2.74 9.47
N HIS A 50 3.49 2.01 8.86
CA HIS A 50 3.55 1.82 7.43
C HIS A 50 3.25 3.10 6.66
N VAL A 51 2.50 4.02 7.26
CA VAL A 51 2.25 5.31 6.64
C VAL A 51 3.56 6.09 6.52
N GLN A 52 4.39 5.99 7.56
CA GLN A 52 5.64 6.73 7.64
C GLN A 52 6.61 6.35 6.53
N VAL A 53 6.81 5.05 6.34
CA VAL A 53 7.72 4.57 5.32
C VAL A 53 7.12 4.82 3.93
N LEU A 54 5.80 4.77 3.84
CA LEU A 54 5.09 5.03 2.58
C LEU A 54 5.37 6.43 2.07
N VAL A 55 5.34 7.40 2.98
CA VAL A 55 5.64 8.78 2.63
C VAL A 55 7.08 8.92 2.16
N GLU A 56 8.00 8.30 2.91
CA GLU A 56 9.42 8.28 2.56
C GLU A 56 9.62 7.77 1.14
N PHE A 57 8.95 6.66 0.84
CA PHE A 57 9.03 6.03 -0.47
C PHE A 57 8.47 6.92 -1.57
N THR A 58 7.29 7.49 -1.32
CA THR A 58 6.60 8.34 -2.29
C THR A 58 7.43 9.57 -2.66
N LYS A 59 8.11 10.14 -1.67
CA LYS A 59 8.91 11.34 -1.89
C LYS A 59 10.08 11.08 -2.84
N LYS A 60 10.53 9.83 -2.91
CA LYS A 60 11.66 9.47 -3.76
C LYS A 60 11.20 8.94 -5.11
N LEU A 61 9.94 9.17 -5.44
CA LEU A 61 9.44 8.85 -6.77
C LEU A 61 9.77 10.00 -7.71
N PRO A 62 10.29 9.66 -8.90
CA PRO A 62 10.80 10.65 -9.86
C PRO A 62 9.72 11.68 -10.07
N GLY A 63 10.01 12.93 -9.73
CA GLY A 63 9.10 14.03 -10.01
C GLY A 63 7.92 14.26 -9.09
N PHE A 64 7.87 13.55 -7.98
CA PHE A 64 6.76 13.70 -7.05
C PHE A 64 6.83 15.01 -6.30
N GLN A 65 8.05 15.35 -5.85
CA GLN A 65 8.27 16.59 -5.12
C GLN A 65 7.98 17.81 -6.00
N THR A 66 8.08 17.61 -7.31
CA THR A 66 7.84 18.67 -8.29
C THR A 66 6.37 19.01 -8.42
N LEU A 67 5.52 18.17 -7.84
CA LEU A 67 4.08 18.31 -8.00
C LEU A 67 3.49 19.43 -7.18
N ASP A 68 2.28 19.82 -7.55
CA ASP A 68 1.44 20.67 -6.73
C ASP A 68 1.35 20.02 -5.36
N HIS A 69 1.38 20.84 -4.30
CA HIS A 69 1.39 20.31 -2.94
C HIS A 69 -0.03 20.01 -2.45
N GLU A 70 -1.03 20.61 -3.08
CA GLU A 70 -2.42 20.33 -2.74
C GLU A 70 -2.86 18.98 -3.30
N ASP A 71 -2.01 18.41 -4.15
CA ASP A 71 -2.29 17.12 -4.78
C ASP A 71 -1.46 16.02 -4.16
N GLN A 72 -0.26 16.36 -3.72
CA GLN A 72 0.62 15.39 -3.07
C GLN A 72 -0.08 14.79 -1.85
N ILE A 73 -0.91 15.59 -1.18
CA ILE A 73 -1.71 15.11 -0.06
C ILE A 73 -2.84 14.20 -0.54
N ALA A 74 -3.56 14.67 -1.55
CA ALA A 74 -4.70 13.95 -2.11
C ALA A 74 -4.27 12.58 -2.63
N LEU A 75 -3.07 12.51 -3.18
CA LEU A 75 -2.53 11.26 -3.70
C LEU A 75 -2.34 10.22 -2.59
N LEU A 76 -1.90 10.70 -1.42
CA LEU A 76 -1.57 9.81 -0.31
C LEU A 76 -2.81 9.35 0.45
N LYS A 77 -3.75 10.27 0.67
CA LYS A 77 -4.93 9.98 1.47
C LYS A 77 -5.86 8.97 0.82
N GLY A 78 -5.75 8.83 -0.50
CA GLY A 78 -6.61 7.91 -1.23
C GLY A 78 -5.97 6.57 -1.47
N SER A 79 -4.64 6.55 -1.52
CA SER A 79 -3.91 5.34 -1.91
C SER A 79 -3.22 4.62 -0.76
N ALA A 80 -3.11 5.28 0.40
CA ALA A 80 -2.45 4.70 1.56
C ALA A 80 -3.04 3.35 1.95
N VAL A 81 -4.37 3.30 2.00
CA VAL A 81 -5.11 2.08 2.28
C VAL A 81 -4.69 0.93 1.38
N GLU A 82 -4.73 1.19 0.09
CA GLU A 82 -4.47 0.19 -0.93
C GLU A 82 -3.00 -0.20 -0.98
N ALA A 83 -2.13 0.76 -0.67
CA ALA A 83 -0.70 0.50 -0.65
C ALA A 83 -0.35 -0.39 0.54
N MET A 84 -0.99 -0.16 1.67
CA MET A 84 -0.85 -1.03 2.84
C MET A 84 -1.19 -2.46 2.44
N PHE A 85 -2.29 -2.60 1.72
CA PHE A 85 -2.78 -3.89 1.28
C PHE A 85 -1.75 -4.65 0.45
N LEU A 86 -1.12 -3.96 -0.48
CA LEU A 86 -0.13 -4.56 -1.37
C LEU A 86 1.07 -5.11 -0.59
N ARG A 87 1.52 -4.34 0.38
CA ARG A 87 2.73 -4.67 1.12
C ARG A 87 2.50 -5.81 2.11
N SER A 88 1.24 -6.05 2.48
CA SER A 88 0.90 -7.16 3.37
C SER A 88 0.58 -8.42 2.58
N ALA A 89 0.04 -8.24 1.37
CA ALA A 89 -0.15 -9.34 0.45
C ALA A 89 1.21 -9.98 0.19
N GLU A 90 2.16 -9.13 -0.17
CA GLU A 90 3.56 -9.52 -0.29
C GLU A 90 3.99 -10.32 0.94
N ILE A 91 3.70 -9.78 2.12
CA ILE A 91 4.01 -10.43 3.38
C ILE A 91 3.38 -11.80 3.50
N PHE A 92 2.12 -11.92 3.09
CA PHE A 92 1.39 -13.18 3.25
C PHE A 92 1.70 -14.19 2.14
N ASN A 93 1.74 -13.72 0.90
CA ASN A 93 1.96 -14.60 -0.24
C ASN A 93 3.34 -15.23 -0.24
N LYS A 94 4.35 -14.40 -0.04
CA LYS A 94 5.72 -14.88 0.09
C LYS A 94 5.88 -15.51 1.47
N LYS A 95 4.92 -15.22 2.33
CA LYS A 95 4.92 -15.66 3.73
C LYS A 95 6.25 -15.30 4.38
N LEU A 96 6.55 -14.00 4.36
CA LEU A 96 7.79 -13.50 4.96
C LEU A 96 7.77 -13.67 6.48
N PRO A 97 8.90 -14.10 7.06
CA PRO A 97 9.02 -14.42 8.48
C PRO A 97 9.09 -13.21 9.40
N SER A 98 9.23 -12.02 8.83
CA SER A 98 9.25 -10.79 9.62
C SER A 98 7.85 -10.21 9.74
N GLY A 99 6.92 -10.74 8.96
CA GLY A 99 5.55 -10.30 8.97
C GLY A 99 4.63 -11.22 9.75
N HIS A 100 5.10 -12.44 10.01
CA HIS A 100 4.35 -13.44 10.77
C HIS A 100 2.94 -13.69 10.24
N SER A 101 2.89 -14.09 8.97
CA SER A 101 1.67 -14.30 8.20
C SER A 101 0.51 -14.99 8.91
N ASP A 102 0.75 -16.22 9.36
CA ASP A 102 -0.29 -17.05 9.96
C ASP A 102 -0.92 -16.39 11.19
N LEU A 103 -0.12 -15.61 11.93
CA LEU A 103 -0.59 -14.94 13.14
C LEU A 103 -1.19 -13.57 12.87
N LEU A 104 -0.63 -12.87 11.90
CA LEU A 104 -1.11 -11.55 11.54
C LEU A 104 -2.55 -11.64 11.06
N GLU A 105 -2.86 -12.73 10.35
CA GLU A 105 -4.20 -12.96 9.82
C GLU A 105 -5.23 -13.01 10.94
N GLU A 106 -4.90 -13.73 12.02
CA GLU A 106 -5.87 -13.93 13.09
C GLU A 106 -6.08 -12.69 13.95
N ARG A 107 -5.05 -11.88 14.09
CA ARG A 107 -5.20 -10.61 14.77
C ARG A 107 -6.22 -9.75 14.02
N ILE A 108 -6.19 -9.84 12.69
CA ILE A 108 -7.08 -9.08 11.83
C ILE A 108 -8.54 -9.56 11.92
N ARG A 109 -8.75 -10.88 11.98
CA ARG A 109 -10.10 -11.43 11.95
C ARG A 109 -10.92 -11.09 13.19
N ASN A 110 -10.25 -10.97 14.33
CA ASN A 110 -10.93 -10.59 15.57
C ASN A 110 -10.67 -9.14 15.99
N SER A 111 -10.54 -8.26 15.01
CA SER A 111 -10.25 -6.86 15.29
C SER A 111 -11.48 -5.96 15.29
N GLY A 112 -12.65 -6.57 15.33
CA GLY A 112 -13.88 -5.82 15.26
C GLY A 112 -14.24 -5.52 13.82
N ILE A 113 -13.56 -6.20 12.90
CA ILE A 113 -13.93 -6.08 11.50
C ILE A 113 -15.09 -7.01 11.20
N SER A 114 -16.13 -6.47 10.58
CA SER A 114 -17.21 -7.28 10.08
C SER A 114 -16.65 -8.40 9.23
N ASP A 115 -17.23 -9.58 9.33
CA ASP A 115 -16.82 -10.70 8.51
C ASP A 115 -17.21 -10.44 7.06
N GLU A 116 -18.08 -9.45 6.89
CA GLU A 116 -18.47 -8.95 5.59
C GLU A 116 -17.27 -8.32 4.86
N TYR A 117 -16.34 -7.76 5.62
CA TYR A 117 -15.15 -7.15 5.02
C TYR A 117 -13.94 -8.06 5.16
N ILE A 118 -13.94 -8.88 6.21
CA ILE A 118 -12.88 -9.84 6.44
C ILE A 118 -12.72 -10.75 5.24
N THR A 119 -13.82 -11.34 4.81
CA THR A 119 -13.81 -12.36 3.79
C THR A 119 -13.22 -11.93 2.43
N PRO A 120 -13.74 -10.86 1.80
CA PRO A 120 -13.25 -10.53 0.45
C PRO A 120 -11.80 -10.12 0.48
N MET A 121 -11.35 -9.74 1.67
CA MET A 121 -10.01 -9.28 1.92
C MET A 121 -9.00 -10.42 1.81
N PHE A 122 -9.39 -11.60 2.27
CA PHE A 122 -8.53 -12.77 2.20
C PHE A 122 -8.79 -13.55 0.92
N SER A 123 -9.92 -13.25 0.30
CA SER A 123 -10.18 -13.70 -1.05
C SER A 123 -9.13 -13.09 -1.96
N PHE A 124 -8.77 -11.85 -1.66
CA PHE A 124 -7.70 -11.15 -2.37
C PHE A 124 -6.33 -11.65 -1.90
N TYR A 125 -6.14 -11.71 -0.59
CA TYR A 125 -4.87 -12.09 0.02
C TYR A 125 -4.32 -13.37 -0.58
N LYS A 126 -5.19 -14.36 -0.73
CA LYS A 126 -4.88 -15.47 -1.58
C LYS A 126 -4.70 -15.11 -3.05
N SER A 127 -5.77 -14.56 -3.64
CA SER A 127 -5.86 -14.19 -5.06
C SER A 127 -4.59 -13.61 -5.67
N ILE A 128 -3.83 -12.86 -4.88
CA ILE A 128 -2.62 -12.21 -5.38
C ILE A 128 -1.37 -13.04 -5.17
N GLY A 129 -1.50 -14.05 -4.32
CA GLY A 129 -0.46 -15.03 -4.09
C GLY A 129 -0.07 -15.85 -5.30
N GLU A 130 -1.06 -16.41 -6.00
CA GLU A 130 -0.79 -17.31 -7.13
C GLU A 130 -0.09 -16.61 -8.28
N LEU A 131 -0.26 -15.29 -8.39
CA LEU A 131 0.49 -14.55 -9.41
C LEU A 131 1.97 -14.67 -9.15
N LYS A 132 2.30 -14.98 -7.91
CA LYS A 132 3.68 -15.15 -7.49
C LYS A 132 4.46 -13.95 -7.99
N MET A 133 3.99 -12.76 -7.63
CA MET A 133 4.57 -11.52 -8.10
C MET A 133 6.00 -11.32 -7.62
N THR A 134 6.85 -10.79 -8.48
CA THR A 134 8.23 -10.49 -8.09
C THR A 134 8.20 -9.16 -7.35
N GLN A 135 9.31 -8.81 -6.70
CA GLN A 135 9.36 -7.60 -5.89
C GLN A 135 9.17 -6.39 -6.80
N GLU A 136 9.68 -6.49 -8.02
CA GLU A 136 9.57 -5.40 -8.98
C GLU A 136 8.10 -5.18 -9.30
N GLU A 137 7.36 -6.28 -9.32
CA GLU A 137 5.92 -6.22 -9.61
C GLU A 137 5.13 -5.71 -8.40
N TYR A 138 5.62 -6.00 -7.20
CA TYR A 138 5.01 -5.46 -5.98
C TYR A 138 5.39 -3.99 -5.79
N ALA A 139 6.59 -3.62 -6.24
CA ALA A 139 7.11 -2.27 -6.09
C ALA A 139 6.53 -1.29 -7.11
N LEU A 140 6.62 -1.66 -8.38
CA LEU A 140 6.10 -0.81 -9.46
C LEU A 140 4.59 -0.59 -9.30
N LEU A 141 3.88 -1.65 -8.91
CA LEU A 141 2.44 -1.57 -8.71
C LEU A 141 2.11 -0.63 -7.55
N THR A 142 3.02 -0.56 -6.58
CA THR A 142 2.82 0.31 -5.43
C THR A 142 3.05 1.77 -5.83
N ALA A 143 4.05 2.01 -6.66
CA ALA A 143 4.34 3.36 -7.11
C ALA A 143 3.25 3.87 -8.04
N ILE A 144 2.68 2.96 -8.81
CA ILE A 144 1.62 3.31 -9.77
C ILE A 144 0.32 3.64 -9.03
N VAL A 145 0.03 2.89 -7.97
CA VAL A 145 -1.15 3.14 -7.13
C VAL A 145 -1.08 4.52 -6.47
N ILE A 146 0.11 4.85 -5.96
CA ILE A 146 0.35 6.17 -5.38
C ILE A 146 0.17 7.24 -6.45
N LEU A 147 0.87 7.07 -7.56
CA LEU A 147 0.74 7.99 -8.68
C LEU A 147 -0.50 7.56 -9.45
N SER A 148 -1.67 7.85 -8.88
CA SER A 148 -2.96 7.56 -9.52
C SER A 148 -3.73 8.86 -9.62
N PRO A 149 -4.02 9.29 -10.86
CA PRO A 149 -4.66 10.54 -11.25
C PRO A 149 -6.19 10.44 -11.26
N ASP A 150 -6.71 9.29 -10.84
CA ASP A 150 -8.15 9.05 -10.78
C ASP A 150 -8.69 9.10 -9.34
N ARG A 151 -7.85 9.55 -8.40
CA ARG A 151 -8.27 9.69 -7.01
C ARG A 151 -9.22 10.89 -6.88
N GLN A 152 -9.65 11.18 -5.66
CA GLN A 152 -10.46 12.37 -5.47
C GLN A 152 -9.66 13.57 -4.93
N TYR A 153 -10.10 14.77 -5.33
CA TYR A 153 -9.54 16.06 -4.92
C TYR A 153 -8.17 16.36 -5.57
N ILE A 154 -8.05 16.04 -6.86
CA ILE A 154 -6.88 16.45 -7.64
C ILE A 154 -7.25 17.50 -8.69
N LYS A 155 -6.38 18.50 -8.86
CA LYS A 155 -6.63 19.60 -9.78
C LYS A 155 -5.90 19.38 -11.10
N ASP A 156 -4.61 19.03 -11.01
CA ASP A 156 -3.83 18.69 -12.19
C ASP A 156 -3.63 17.18 -12.17
N ARG A 157 -4.46 16.45 -12.92
CA ARG A 157 -4.33 15.00 -13.01
C ARG A 157 -3.41 14.63 -14.15
N GLU A 158 -3.25 15.55 -15.10
CA GLU A 158 -2.41 15.31 -16.26
C GLU A 158 -0.95 15.13 -15.88
N ALA A 159 -0.48 15.93 -14.93
CA ALA A 159 0.90 15.86 -14.48
C ALA A 159 1.16 14.54 -13.75
N VAL A 160 0.17 14.10 -12.97
CA VAL A 160 0.31 12.86 -12.21
C VAL A 160 0.58 11.67 -13.14
N GLU A 161 -0.14 11.61 -14.25
CA GLU A 161 0.02 10.54 -15.22
C GLU A 161 1.37 10.63 -15.92
N LYS A 162 1.82 11.86 -16.17
CA LYS A 162 3.09 12.09 -16.84
C LYS A 162 4.24 11.46 -16.06
N LEU A 163 3.92 10.90 -14.89
CA LEU A 163 4.92 10.26 -14.05
C LEU A 163 4.55 8.81 -13.79
N GLN A 164 3.27 8.52 -13.89
CA GLN A 164 2.76 7.16 -13.76
C GLN A 164 3.03 6.37 -15.03
N GLU A 165 2.82 7.01 -16.17
CA GLU A 165 2.96 6.37 -17.48
C GLU A 165 4.34 5.72 -17.71
N PRO A 166 5.45 6.43 -17.37
CA PRO A 166 6.73 5.73 -17.52
C PRO A 166 6.75 4.41 -16.76
N LEU A 167 6.51 4.48 -15.46
CA LEU A 167 6.52 3.31 -14.58
C LEU A 167 5.53 2.24 -15.03
N LEU A 168 4.46 2.67 -15.68
CA LEU A 168 3.53 1.73 -16.31
C LEU A 168 4.21 1.02 -17.47
N ASP A 169 4.86 1.79 -18.33
CA ASP A 169 5.56 1.24 -19.48
C ASP A 169 6.77 0.42 -19.06
N VAL A 170 7.41 0.83 -17.96
CA VAL A 170 8.49 0.04 -17.39
C VAL A 170 7.92 -1.28 -16.87
N LEU A 171 6.75 -1.20 -16.26
CA LEU A 171 6.04 -2.38 -15.80
C LEU A 171 5.60 -3.22 -16.99
N GLN A 172 5.07 -2.55 -18.00
CA GLN A 172 4.65 -3.22 -19.23
C GLN A 172 5.83 -3.93 -19.90
N LYS A 173 6.98 -3.26 -19.92
CA LYS A 173 8.21 -3.82 -20.48
C LYS A 173 8.54 -5.11 -19.71
N LEU A 174 8.38 -5.07 -18.38
CA LEU A 174 8.78 -6.18 -17.49
C LEU A 174 8.04 -7.50 -17.69
N CYS A 175 6.77 -7.45 -18.02
CA CYS A 175 5.97 -8.67 -18.11
C CYS A 175 6.13 -9.33 -19.47
N LYS A 176 7.11 -8.87 -20.23
CA LYS A 176 7.43 -9.45 -21.54
C LYS A 176 8.82 -10.07 -21.56
N ILE A 177 9.62 -9.89 -20.51
CA ILE A 177 10.90 -10.59 -20.44
C ILE A 177 10.94 -11.63 -19.31
N HIS A 178 10.25 -11.38 -18.21
CA HIS A 178 10.22 -12.37 -17.14
C HIS A 178 9.32 -13.54 -17.54
N GLN A 179 8.14 -13.20 -18.05
CA GLN A 179 7.19 -14.20 -18.49
C GLN A 179 6.66 -13.86 -19.88
N PRO A 180 7.13 -14.60 -20.90
CA PRO A 180 6.78 -14.32 -22.30
C PRO A 180 5.72 -15.25 -22.90
N GLU A 181 5.49 -16.41 -22.32
CA GLU A 181 4.56 -17.39 -22.90
C GLU A 181 3.10 -16.94 -22.76
N ASN A 182 2.89 -15.81 -22.09
CA ASN A 182 1.57 -15.22 -21.94
C ASN A 182 1.64 -13.70 -21.87
N PRO A 183 1.18 -13.01 -22.94
CA PRO A 183 1.26 -11.55 -23.06
C PRO A 183 0.25 -10.84 -22.16
N GLN A 184 -0.72 -11.59 -21.64
CA GLN A 184 -1.86 -11.03 -20.93
C GLN A 184 -1.59 -10.86 -19.42
N HIS A 185 -0.33 -11.01 -19.01
CA HIS A 185 0.04 -10.92 -17.60
C HIS A 185 0.00 -9.48 -17.11
N PHE A 186 0.48 -8.56 -17.95
CA PHE A 186 0.57 -7.14 -17.59
C PHE A 186 -0.77 -6.55 -17.18
N ALA A 187 -1.86 -7.08 -17.74
CA ALA A 187 -3.19 -6.54 -17.45
C ALA A 187 -3.98 -7.45 -16.49
N CYS A 188 -3.29 -8.39 -15.86
CA CYS A 188 -3.87 -9.10 -14.74
C CYS A 188 -3.40 -8.42 -13.47
N LEU A 189 -2.18 -7.89 -13.53
CA LEU A 189 -1.66 -7.05 -12.47
C LEU A 189 -2.51 -5.78 -12.36
N LEU A 190 -2.91 -5.24 -13.50
CA LEU A 190 -3.68 -4.00 -13.55
C LEU A 190 -5.11 -4.17 -13.06
N GLY A 191 -5.54 -5.43 -12.93
CA GLY A 191 -6.85 -5.71 -12.39
C GLY A 191 -6.86 -5.62 -10.88
N ARG A 192 -5.71 -5.88 -10.27
CA ARG A 192 -5.58 -5.79 -8.83
C ARG A 192 -5.72 -4.32 -8.39
N LEU A 193 -5.35 -3.40 -9.27
CA LEU A 193 -5.53 -1.96 -9.04
C LEU A 193 -6.99 -1.61 -8.83
N THR A 194 -7.86 -2.33 -9.52
CA THR A 194 -9.29 -2.08 -9.43
C THR A 194 -9.91 -2.81 -8.24
N GLU A 195 -9.36 -3.97 -7.88
CA GLU A 195 -9.83 -4.68 -6.70
C GLU A 195 -9.55 -3.89 -5.43
N LEU A 196 -8.37 -3.27 -5.39
CA LEU A 196 -7.99 -2.45 -4.25
C LEU A 196 -8.95 -1.28 -4.08
N ARG A 197 -9.37 -0.72 -5.21
CA ARG A 197 -10.39 0.32 -5.21
C ARG A 197 -11.66 -0.21 -4.52
N THR A 198 -12.12 -1.37 -4.97
CA THR A 198 -13.29 -2.04 -4.39
C THR A 198 -13.11 -2.24 -2.88
N PHE A 199 -11.86 -2.42 -2.46
CA PHE A 199 -11.56 -2.55 -1.04
C PHE A 199 -11.47 -1.19 -0.35
N ASN A 200 -11.03 -0.16 -1.07
CA ASN A 200 -10.96 1.19 -0.51
C ASN A 200 -12.37 1.69 -0.19
N HIS A 201 -13.36 1.13 -0.89
CA HIS A 201 -14.76 1.41 -0.63
C HIS A 201 -15.21 0.75 0.67
N HIS A 202 -14.87 -0.54 0.81
CA HIS A 202 -15.24 -1.31 1.99
C HIS A 202 -14.51 -0.83 3.24
N HIS A 203 -13.27 -0.37 3.07
CA HIS A 203 -12.43 0.01 4.20
C HIS A 203 -12.97 1.22 4.97
N ALA A 204 -13.44 2.22 4.23
CA ALA A 204 -13.99 3.43 4.83
C ALA A 204 -15.16 3.08 5.75
N GLU A 205 -15.77 1.93 5.51
CA GLU A 205 -16.86 1.46 6.35
C GLU A 205 -16.33 0.66 7.53
N MET A 206 -15.20 -0.03 7.35
CA MET A 206 -14.53 -0.69 8.45
C MET A 206 -14.09 0.36 9.45
N LEU A 207 -13.67 1.51 8.92
CA LEU A 207 -13.20 2.63 9.72
C LEU A 207 -14.30 3.16 10.63
N MET A 208 -15.49 3.32 10.07
CA MET A 208 -16.60 3.86 10.82
C MET A 208 -17.16 2.84 11.81
N SER A 209 -17.19 1.57 11.40
CA SER A 209 -17.55 0.48 12.29
C SER A 209 -16.67 0.53 13.53
N TRP A 210 -15.39 0.82 13.31
CA TRP A 210 -14.42 0.95 14.40
C TRP A 210 -14.66 2.21 15.23
N ARG A 211 -14.69 3.37 14.56
CA ARG A 211 -14.85 4.66 15.25
C ARG A 211 -16.13 4.69 16.05
N VAL A 212 -17.06 3.85 15.61
CA VAL A 212 -18.36 3.68 16.24
C VAL A 212 -18.26 2.95 17.57
N ASN A 213 -17.49 1.86 17.62
CA ASN A 213 -17.33 1.07 18.83
C ASN A 213 -16.22 1.57 19.75
N ASP A 214 -15.69 2.74 19.44
CA ASP A 214 -14.61 3.40 20.21
C ASP A 214 -13.17 3.07 19.82
N HIS A 215 -12.97 2.33 18.76
CA HIS A 215 -11.60 2.02 18.35
C HIS A 215 -10.93 3.27 17.80
N LYS A 216 -9.84 3.69 18.44
CA LYS A 216 -9.20 4.96 18.10
C LYS A 216 -7.92 4.79 17.30
N PHE A 217 -7.50 5.86 16.64
CA PHE A 217 -6.34 5.82 15.76
C PHE A 217 -5.30 6.87 16.13
N THR A 218 -4.20 6.86 15.40
CA THR A 218 -3.15 7.85 15.56
C THR A 218 -3.55 9.15 14.87
N PRO A 219 -2.94 10.28 15.26
CA PRO A 219 -3.28 11.54 14.60
C PRO A 219 -2.87 11.51 13.14
N LEU A 220 -1.91 10.65 12.81
CA LEU A 220 -1.46 10.45 11.45
C LEU A 220 -2.53 9.72 10.64
N LEU A 221 -3.02 8.62 11.18
CA LEU A 221 -4.09 7.86 10.53
C LEU A 221 -5.39 8.64 10.50
N CYS A 222 -5.67 9.36 11.60
CA CYS A 222 -6.87 10.18 11.68
C CYS A 222 -6.82 11.37 10.75
N GLU A 223 -5.66 11.58 10.15
CA GLU A 223 -5.48 12.72 9.28
C GLU A 223 -5.46 12.28 7.82
N ILE A 224 -4.89 11.11 7.58
CA ILE A 224 -4.81 10.58 6.23
C ILE A 224 -6.17 9.99 5.82
N TRP A 225 -7.02 9.77 6.81
CA TRP A 225 -8.35 9.22 6.57
C TRP A 225 -9.43 10.16 7.11
N ASP A 226 -9.00 11.32 7.60
CA ASP A 226 -9.89 12.32 8.18
C ASP A 226 -10.64 11.80 9.40
N GLU B 2 -5.58 21.17 9.82
CA GLU B 2 -6.06 20.06 9.01
C GLU B 2 -4.99 19.59 8.03
N ASN B 3 -4.73 18.29 8.04
CA ASN B 3 -3.73 17.67 7.16
C ASN B 3 -2.39 18.40 7.20
N ALA B 4 -1.74 18.36 8.36
CA ALA B 4 -0.45 19.04 8.52
C ALA B 4 0.59 18.10 9.13
N LEU B 5 0.19 16.88 9.43
CA LEU B 5 1.13 15.89 10.03
C LEU B 5 1.77 15.21 8.85
N LEU B 6 1.00 15.18 7.77
CA LEU B 6 1.42 14.65 6.49
C LEU B 6 2.48 15.54 5.84
N ARG B 7 2.41 16.85 6.07
CA ARG B 7 3.34 17.78 5.41
C ARG B 7 4.73 17.77 6.05
N TYR B 8 4.81 17.29 7.29
CA TYR B 8 6.07 17.25 8.04
C TYR B 8 6.91 16.04 7.65
N LEU B 9 6.26 15.05 7.04
CA LEU B 9 6.96 13.85 6.59
C LEU B 9 7.42 13.98 5.14
N LEU B 10 6.89 14.96 4.43
CA LEU B 10 7.25 15.20 3.03
C LEU B 10 8.38 16.21 2.89
N ASP B 11 8.71 16.89 3.99
CA ASP B 11 9.72 17.94 3.98
C ASP B 11 11.00 17.50 4.70
N LYS B 12 10.97 16.30 5.27
CA LYS B 12 12.13 15.77 5.99
C LYS B 12 13.24 15.38 5.02
OBL 811 C . 8.65 -5.71 7.80
CBK 811 C . 7.53 -6.28 7.94
OBM 811 C . 7.41 -7.28 8.71
CBI 811 C . 6.32 -5.76 7.18
CBJ 811 C . 5.15 -5.34 7.85
CBH 811 C . 6.31 -5.67 5.77
CBG 811 C . 5.19 -5.19 5.12
NBF 811 C . 4.11 -4.81 5.80
CBE 811 C . 4.07 -4.88 7.11
NBB 811 C . 2.88 -4.45 7.81
CBC 811 C . 1.72 -5.22 7.33
CBA 811 C . 2.34 -3.25 7.16
CAZ 811 C . 1.10 -3.99 6.84
OBD 811 C . 0.83 -4.02 5.45
CAD 811 C . -0.07 -3.54 7.68
CAC 811 C . -1.35 -3.56 7.15
CLG 811 C . -1.61 -4.11 5.51
CAB 811 C . -2.44 -3.15 7.91
CAE 811 C . 0.13 -3.10 8.98
CAF 811 C . -0.95 -2.69 9.75
CAA 811 C . -2.23 -2.71 9.21
OAH 811 C . -3.34 -2.29 10.01
CAI 811 C . -4.53 -3.02 9.77
CAJ 811 C . -5.57 -2.07 9.15
CAN 811 C . -6.04 -0.82 9.68
CAO 811 C . -5.61 -0.16 10.98
CAP 811 C . -4.91 0.84 11.64
CAQ 811 C . -5.61 -0.13 12.36
OAM 811 C . -6.93 -0.33 8.82
NAL 811 C . -7.08 -1.16 7.79
CAK 811 C . -6.30 -2.22 7.92
CAR 811 C . -6.18 -3.39 6.93
CAS 811 C . -6.64 -4.65 7.31
CLY 811 C . -7.34 -4.90 8.89
CAT 811 C . -6.54 -5.72 6.42
CAU 811 C . -5.98 -5.51 5.16
CAV 811 C . -5.54 -4.25 4.79
CAW 811 C . -5.63 -3.19 5.68
CLX 811 C . -5.07 -1.60 5.21
#